data_4IKZ
#
_entry.id   4IKZ
#
_cell.length_a   53.527
_cell.length_b   94.083
_cell.length_c   57.859
_cell.angle_alpha   90.000
_cell.angle_beta   112.650
_cell.angle_gamma   90.000
#
_symmetry.space_group_name_H-M   'P 1 21 1'
#
loop_
_entity.id
_entity.type
_entity.pdbx_description
1 polymer 'Di-tripeptide ABC transporter (Permease)'
2 non-polymer 'SULFATE ION'
3 non-polymer N-[(1R)-1-phosphonoethyl]-L-alaninamide
4 water water
#
_entity_poly.entity_id   1
_entity_poly.type   'polypeptide(L)'
_entity_poly.pdbx_seq_one_letter_code
;MASIDKQQIAASVPQRGFFGHPKGLFTLFFTEFWERFSYYGMRAILVYYMYYEVSKGGLGLDEHLALAIMSIYGALVYMS
GIIGGWLADRVFGTSRAVFYGGLLIMAGHIALAIPGGVAALFVSMALIVLGTGLLKPNVSSIVGDMYKPGDDRRDAGFSI
FYMGINLGAFLAPLVVGTAGMKYNFHLGFGLAAVGMFLGLVVFVATRKKNLGLAGTYVPNPLTPAEKKKAAAIMAVGAVV
IAVLLAILIPNGWFTVETFISLVGILGIIIPIIYFVVMYRSPKTTAEERSRVIAYIPLFVASAMFWAIQQQGSTILANYA
DKRTQLDVAGIHLSPAWFQSLNPLFIIILAPVFAWMWVKLGKRQPTIPQKFALGLLFAGLSFIVILVPGHLSGGGLVHPI
WLVLSYFIVVLGELCLSPVGLSATTKLAPAAFSAQTMSLWFLSNAAAQAINAQLVRFYTPENETAYFGTIGGAALVLGLI
LLAIAPRIGRLMKGIRLESSGENLYFQ
;
_entity_poly.pdbx_strand_id   A
#
# COMPACT_ATOMS: atom_id res chain seq x y z
N SER A 3 -8.29 26.53 -12.09
CA SER A 3 -6.87 26.22 -11.95
C SER A 3 -6.04 27.50 -11.80
N ILE A 4 -4.97 27.41 -11.02
CA ILE A 4 -4.06 28.53 -10.81
C ILE A 4 -2.65 28.13 -11.22
N ASP A 5 -1.92 29.06 -11.84
CA ASP A 5 -0.56 28.76 -12.29
C ASP A 5 0.38 28.48 -11.12
N LYS A 6 1.33 27.58 -11.33
CA LYS A 6 2.20 27.10 -10.27
C LYS A 6 3.06 28.19 -9.63
N GLN A 7 3.41 29.21 -10.40
CA GLN A 7 4.23 30.31 -9.91
C GLN A 7 3.53 31.11 -8.81
N GLN A 8 2.27 31.46 -9.06
CA GLN A 8 1.49 32.23 -8.11
C GLN A 8 1.23 31.43 -6.83
N ILE A 9 0.98 30.14 -6.98
CA ILE A 9 0.77 29.24 -5.86
C ILE A 9 2.02 29.13 -5.00
N ALA A 10 3.16 28.91 -5.66
CA ALA A 10 4.42 28.74 -4.96
C ALA A 10 4.84 30.00 -4.22
N ALA A 11 4.38 31.15 -4.70
CA ALA A 11 4.73 32.42 -4.10
C ALA A 11 4.00 32.64 -2.78
N SER A 12 2.92 31.90 -2.57
CA SER A 12 2.14 32.02 -1.34
C SER A 12 2.61 31.04 -0.28
N VAL A 13 3.56 30.18 -0.66
CA VAL A 13 4.13 29.21 0.27
C VAL A 13 5.48 29.70 0.77
N PRO A 14 5.60 29.89 2.09
CA PRO A 14 6.87 30.27 2.73
C PRO A 14 7.96 29.26 2.38
N GLN A 15 8.91 29.68 1.54
CA GLN A 15 9.91 28.75 1.01
C GLN A 15 11.03 28.42 2.00
N ARG A 16 10.95 28.98 3.20
CA ARG A 16 11.92 28.70 4.25
C ARG A 16 11.21 28.36 5.55
N GLY A 17 11.82 27.49 6.35
CA GLY A 17 11.27 27.15 7.65
C GLY A 17 11.65 25.79 8.20
N PHE A 18 11.56 24.75 7.35
CA PHE A 18 11.77 23.39 7.82
C PHE A 18 12.99 22.73 7.18
N PHE A 19 14.16 22.94 7.81
CA PHE A 19 15.42 22.34 7.36
C PHE A 19 15.75 22.65 5.91
N GLY A 20 15.81 23.94 5.57
CA GLY A 20 16.14 24.36 4.22
C GLY A 20 14.99 24.14 3.25
N HIS A 21 13.82 23.83 3.79
CA HIS A 21 12.63 23.60 3.00
C HIS A 21 11.49 24.48 3.51
N PRO A 22 10.41 24.61 2.72
CA PRO A 22 9.21 25.30 3.23
C PRO A 22 8.72 24.71 4.54
N LYS A 23 8.20 25.54 5.42
CA LYS A 23 7.67 25.08 6.70
C LYS A 23 6.37 24.30 6.52
N GLY A 24 5.87 24.29 5.28
CA GLY A 24 4.69 23.52 4.93
C GLY A 24 5.04 22.06 4.77
N LEU A 25 6.33 21.77 4.61
CA LEU A 25 6.80 20.39 4.55
C LEU A 25 6.67 19.74 5.92
N PHE A 26 6.91 20.53 6.97
CA PHE A 26 6.69 20.09 8.35
C PHE A 26 5.24 19.65 8.51
N THR A 27 4.34 20.47 7.98
CA THR A 27 2.91 20.19 8.04
C THR A 27 2.55 18.91 7.30
N LEU A 28 3.15 18.72 6.13
CA LEU A 28 2.82 17.58 5.28
C LEU A 28 3.55 16.30 5.67
N PHE A 29 4.75 16.44 6.22
CA PHE A 29 5.51 15.30 6.70
C PHE A 29 4.76 14.60 7.84
N PHE A 30 4.42 15.38 8.86
CA PHE A 30 3.80 14.85 10.07
C PHE A 30 2.33 14.45 9.89
N THR A 31 1.63 15.13 8.99
CA THR A 31 0.25 14.76 8.68
C THR A 31 0.21 13.35 8.10
N GLU A 32 1.06 13.11 7.10
CA GLU A 32 1.14 11.80 6.49
C GLU A 32 1.75 10.77 7.44
N PHE A 33 2.72 11.21 8.24
CA PHE A 33 3.35 10.33 9.22
C PHE A 33 2.35 9.75 10.21
N TRP A 34 1.59 10.62 10.86
CA TRP A 34 0.60 10.20 11.85
C TRP A 34 -0.51 9.37 11.23
N GLU A 35 -0.89 9.68 9.99
CA GLU A 35 -1.88 8.91 9.26
C GLU A 35 -1.34 7.51 8.99
N ARG A 36 -0.11 7.44 8.48
CA ARG A 36 0.57 6.17 8.28
C ARG A 36 0.74 5.44 9.61
N PHE A 37 1.07 6.20 10.65
CA PHE A 37 1.27 5.65 11.99
C PHE A 37 0.02 4.92 12.46
N SER A 38 -1.10 5.63 12.44
CA SER A 38 -2.39 5.05 12.84
C SER A 38 -2.76 3.84 12.00
N TYR A 39 -2.60 3.96 10.68
CA TYR A 39 -2.97 2.89 9.76
C TYR A 39 -2.17 1.61 10.02
N TYR A 40 -0.85 1.75 10.12
CA TYR A 40 0.03 0.60 10.31
C TYR A 40 -0.08 0.02 11.72
N GLY A 41 -0.34 0.89 12.69
CA GLY A 41 -0.54 0.45 14.06
C GLY A 41 -1.82 -0.33 14.19
N MET A 42 -2.90 0.22 13.64
CA MET A 42 -4.20 -0.45 13.62
C MET A 42 -4.13 -1.76 12.85
N ARG A 43 -3.36 -1.77 11.77
CA ARG A 43 -3.22 -2.96 10.94
C ARG A 43 -2.38 -4.03 11.64
N ALA A 44 -1.50 -3.59 12.53
CA ALA A 44 -0.56 -4.49 13.20
C ALA A 44 -1.26 -5.47 14.16
N ILE A 45 -2.39 -5.04 14.72
CA ILE A 45 -3.08 -5.86 15.71
C ILE A 45 -4.49 -6.26 15.25
N LEU A 46 -4.90 -5.75 14.10
CA LEU A 46 -6.26 -5.97 13.61
C LEU A 46 -6.57 -7.45 13.35
N VAL A 47 -5.65 -8.14 12.70
CA VAL A 47 -5.87 -9.54 12.34
C VAL A 47 -6.01 -10.42 13.58
N TYR A 48 -5.22 -10.13 14.61
CA TYR A 48 -5.30 -10.87 15.87
C TYR A 48 -6.61 -10.55 16.56
N TYR A 49 -7.00 -9.28 16.54
CA TYR A 49 -8.25 -8.83 17.15
C TYR A 49 -9.45 -9.55 16.56
N MET A 50 -9.34 -9.98 15.31
CA MET A 50 -10.43 -10.66 14.63
C MET A 50 -10.61 -12.13 15.05
N TYR A 51 -9.53 -12.91 15.01
CA TYR A 51 -9.66 -14.34 15.28
C TYR A 51 -9.38 -14.79 16.72
N TYR A 52 -8.79 -13.91 17.53
CA TYR A 52 -8.63 -14.18 18.95
C TYR A 52 -10.01 -14.39 19.57
N GLU A 53 -10.11 -15.33 20.50
CA GLU A 53 -11.39 -15.63 21.14
C GLU A 53 -11.91 -14.41 21.92
N VAL A 54 -13.24 -14.34 22.06
CA VAL A 54 -13.87 -13.17 22.66
C VAL A 54 -13.45 -12.94 24.12
N SER A 55 -13.04 -14.00 24.79
CA SER A 55 -12.59 -13.90 26.18
C SER A 55 -11.13 -13.44 26.25
N LYS A 56 -10.45 -13.47 25.12
CA LYS A 56 -9.10 -12.94 25.03
C LYS A 56 -9.11 -11.54 24.42
N GLY A 57 -10.29 -10.91 24.43
CA GLY A 57 -10.46 -9.57 23.92
C GLY A 57 -10.81 -9.53 22.45
N GLY A 58 -10.63 -10.65 21.76
CA GLY A 58 -10.82 -10.70 20.31
C GLY A 58 -12.27 -10.77 19.87
N LEU A 59 -12.47 -10.99 18.58
CA LEU A 59 -13.81 -11.05 18.00
C LEU A 59 -14.26 -12.49 17.73
N GLY A 60 -13.29 -13.41 17.70
CA GLY A 60 -13.59 -14.83 17.58
C GLY A 60 -14.09 -15.27 16.21
N LEU A 61 -13.44 -14.78 15.16
CA LEU A 61 -13.77 -15.20 13.81
C LEU A 61 -12.84 -16.34 13.39
N ASP A 62 -13.17 -17.02 12.30
CA ASP A 62 -12.28 -18.03 11.75
C ASP A 62 -11.02 -17.35 11.23
N GLU A 63 -9.87 -17.97 11.45
CA GLU A 63 -8.60 -17.37 11.07
C GLU A 63 -8.50 -17.12 9.56
N HIS A 64 -9.04 -18.05 8.78
CA HIS A 64 -9.04 -17.91 7.33
C HIS A 64 -9.89 -16.73 6.89
N LEU A 65 -10.98 -16.49 7.63
CA LEU A 65 -11.85 -15.36 7.34
C LEU A 65 -11.13 -14.05 7.68
N ALA A 66 -10.49 -14.02 8.85
CA ALA A 66 -9.75 -12.84 9.29
C ALA A 66 -8.62 -12.50 8.31
N LEU A 67 -7.88 -13.51 7.89
CA LEU A 67 -6.77 -13.33 6.96
C LEU A 67 -7.27 -12.89 5.59
N ALA A 68 -8.45 -13.35 5.21
CA ALA A 68 -9.04 -12.98 3.94
C ALA A 68 -9.46 -11.52 3.93
N ILE A 69 -9.99 -11.06 5.06
CA ILE A 69 -10.42 -9.67 5.21
C ILE A 69 -9.22 -8.72 5.13
N MET A 70 -8.11 -9.11 5.75
CA MET A 70 -6.89 -8.31 5.72
C MET A 70 -6.35 -8.14 4.31
N SER A 71 -6.30 -9.24 3.57
CA SER A 71 -5.80 -9.22 2.20
C SER A 71 -6.70 -8.37 1.31
N ILE A 72 -8.01 -8.42 1.58
CA ILE A 72 -8.99 -7.63 0.85
C ILE A 72 -8.86 -6.14 1.19
N TYR A 73 -8.60 -5.87 2.46
CA TYR A 73 -8.48 -4.50 2.99
C TYR A 73 -7.52 -3.65 2.16
N GLY A 74 -6.31 -4.15 1.96
CA GLY A 74 -5.29 -3.43 1.21
C GLY A 74 -5.68 -3.15 -0.22
N ALA A 75 -6.32 -4.13 -0.85
CA ALA A 75 -6.78 -3.99 -2.22
C ALA A 75 -7.81 -2.86 -2.34
N LEU A 76 -8.70 -2.77 -1.36
CA LEU A 76 -9.69 -1.71 -1.33
C LEU A 76 -9.05 -0.36 -1.06
N VAL A 77 -8.08 -0.33 -0.15
CA VAL A 77 -7.35 0.89 0.17
C VAL A 77 -6.59 1.44 -1.02
N TYR A 78 -5.83 0.56 -1.68
CA TYR A 78 -5.07 0.93 -2.87
C TYR A 78 -5.97 1.47 -3.97
N MET A 79 -7.07 0.79 -4.23
CA MET A 79 -7.99 1.18 -5.28
C MET A 79 -8.73 2.46 -4.94
N SER A 80 -8.86 2.74 -3.64
CA SER A 80 -9.60 3.90 -3.16
C SER A 80 -8.89 5.20 -3.51
N GLY A 81 -7.55 5.15 -3.55
CA GLY A 81 -6.74 6.31 -3.88
C GLY A 81 -7.00 6.82 -5.28
N ILE A 82 -7.36 5.91 -6.17
CA ILE A 82 -7.70 6.26 -7.54
C ILE A 82 -9.00 7.08 -7.58
N ILE A 83 -9.97 6.65 -6.77
CA ILE A 83 -11.26 7.35 -6.68
C ILE A 83 -11.07 8.73 -6.07
N GLY A 84 -10.35 8.78 -4.95
CA GLY A 84 -10.11 10.02 -4.25
C GLY A 84 -9.20 10.96 -5.01
N GLY A 85 -8.27 10.40 -5.78
CA GLY A 85 -7.41 11.19 -6.63
C GLY A 85 -8.23 11.94 -7.68
N TRP A 86 -9.29 11.28 -8.15
CA TRP A 86 -10.20 11.88 -9.11
C TRP A 86 -11.06 12.95 -8.43
N LEU A 87 -11.55 12.63 -7.23
CA LEU A 87 -12.39 13.56 -6.47
C LEU A 87 -11.67 14.85 -6.11
N ALA A 88 -10.41 14.74 -5.71
CA ALA A 88 -9.61 15.92 -5.40
C ALA A 88 -9.36 16.73 -6.66
N ASP A 89 -8.90 16.06 -7.70
CA ASP A 89 -8.56 16.71 -8.96
C ASP A 89 -9.75 17.37 -9.65
N ARG A 90 -10.92 16.74 -9.57
CA ARG A 90 -12.07 17.18 -10.36
C ARG A 90 -13.16 17.94 -9.58
N VAL A 91 -13.13 17.88 -8.26
CA VAL A 91 -14.18 18.54 -7.46
C VAL A 91 -13.71 19.15 -6.14
N PHE A 92 -12.77 18.49 -5.46
CA PHE A 92 -12.36 18.94 -4.12
C PHE A 92 -11.13 19.85 -4.10
N GLY A 93 -10.06 19.44 -4.76
CA GLY A 93 -8.77 20.06 -4.56
C GLY A 93 -8.02 19.25 -3.53
N THR A 94 -6.70 19.18 -3.65
CA THR A 94 -5.91 18.30 -2.80
C THR A 94 -5.97 18.66 -1.31
N SER A 95 -5.99 19.95 -1.01
CA SER A 95 -6.06 20.41 0.37
C SER A 95 -7.36 19.98 1.06
N ARG A 96 -8.48 20.19 0.38
CA ARG A 96 -9.79 19.91 0.96
C ARG A 96 -10.03 18.40 1.07
N ALA A 97 -9.61 17.65 0.05
CA ALA A 97 -9.80 16.20 0.04
C ALA A 97 -8.98 15.52 1.13
N VAL A 98 -7.78 16.03 1.37
CA VAL A 98 -6.93 15.56 2.47
C VAL A 98 -7.64 15.79 3.80
N PHE A 99 -8.29 16.95 3.92
CA PHE A 99 -9.02 17.31 5.14
C PHE A 99 -10.18 16.35 5.41
N TYR A 100 -10.99 16.10 4.40
CA TYR A 100 -12.15 15.21 4.52
C TYR A 100 -11.72 13.78 4.86
N GLY A 101 -10.70 13.30 4.16
CA GLY A 101 -10.17 11.97 4.41
C GLY A 101 -9.70 11.81 5.84
N GLY A 102 -9.09 12.87 6.37
CA GLY A 102 -8.62 12.87 7.74
C GLY A 102 -9.74 12.71 8.74
N LEU A 103 -10.89 13.32 8.45
CA LEU A 103 -12.06 13.22 9.30
C LEU A 103 -12.66 11.81 9.26
N LEU A 104 -12.78 11.26 8.06
CA LEU A 104 -13.32 9.92 7.88
C LEU A 104 -12.45 8.86 8.53
N ILE A 105 -11.14 8.91 8.25
CA ILE A 105 -10.18 7.97 8.83
C ILE A 105 -10.25 7.96 10.35
N MET A 106 -10.27 9.14 10.95
CA MET A 106 -10.33 9.28 12.41
C MET A 106 -11.63 8.68 12.94
N ALA A 107 -12.73 8.95 12.24
CA ALA A 107 -14.03 8.42 12.62
C ALA A 107 -14.03 6.90 12.55
N GLY A 108 -13.24 6.36 11.61
CA GLY A 108 -13.11 4.92 11.47
C GLY A 108 -12.42 4.30 12.67
N HIS A 109 -11.40 4.97 13.18
CA HIS A 109 -10.65 4.47 14.32
C HIS A 109 -11.45 4.58 15.63
N ILE A 110 -12.29 5.60 15.71
CA ILE A 110 -13.14 5.78 16.88
C ILE A 110 -14.15 4.64 17.00
N ALA A 111 -14.66 4.18 15.86
CA ALA A 111 -15.58 3.05 15.84
C ALA A 111 -14.91 1.80 16.41
N LEU A 112 -13.65 1.60 16.08
CA LEU A 112 -12.89 0.45 16.58
C LEU A 112 -12.52 0.59 18.04
N ALA A 113 -12.15 1.80 18.45
CA ALA A 113 -11.65 2.05 19.80
C ALA A 113 -12.74 1.91 20.87
N ILE A 114 -13.97 2.27 20.53
CA ILE A 114 -15.08 2.15 21.46
C ILE A 114 -15.60 0.71 21.48
N PRO A 115 -16.22 0.29 22.60
CA PRO A 115 -16.77 -1.07 22.72
C PRO A 115 -17.71 -1.44 21.57
N GLY A 116 -17.35 -2.49 20.83
CA GLY A 116 -18.13 -2.92 19.68
C GLY A 116 -17.77 -4.30 19.19
N GLY A 117 -18.52 -4.79 18.21
CA GLY A 117 -18.30 -6.12 17.65
C GLY A 117 -17.92 -6.08 16.18
N VAL A 118 -18.37 -7.09 15.43
CA VAL A 118 -17.99 -7.22 14.03
C VAL A 118 -18.66 -6.16 13.15
N ALA A 119 -19.76 -5.59 13.66
CA ALA A 119 -20.45 -4.53 12.94
C ALA A 119 -19.60 -3.26 12.98
N ALA A 120 -18.96 -3.03 14.12
CA ALA A 120 -18.06 -1.90 14.27
C ALA A 120 -16.84 -2.06 13.37
N LEU A 121 -16.37 -3.28 13.25
CA LEU A 121 -15.20 -3.58 12.42
C LEU A 121 -15.47 -3.31 10.93
N PHE A 122 -16.68 -3.63 10.49
CA PHE A 122 -17.05 -3.43 9.10
C PHE A 122 -17.27 -1.96 8.78
N VAL A 123 -17.84 -1.22 9.72
CA VAL A 123 -18.01 0.22 9.58
C VAL A 123 -16.64 0.89 9.53
N SER A 124 -15.76 0.49 10.45
CA SER A 124 -14.42 1.04 10.56
C SER A 124 -13.62 0.87 9.27
N MET A 125 -13.78 -0.29 8.63
CA MET A 125 -13.10 -0.56 7.38
C MET A 125 -13.52 0.41 6.28
N ALA A 126 -14.84 0.57 6.13
CA ALA A 126 -15.39 1.44 5.10
C ALA A 126 -14.90 2.89 5.23
N LEU A 127 -14.94 3.41 6.45
CA LEU A 127 -14.52 4.77 6.71
C LEU A 127 -13.04 4.99 6.40
N ILE A 128 -12.21 4.05 6.84
CA ILE A 128 -10.76 4.15 6.64
C ILE A 128 -10.37 3.98 5.17
N VAL A 129 -11.01 3.03 4.50
CA VAL A 129 -10.80 2.84 3.07
C VAL A 129 -11.12 4.12 2.30
N LEU A 130 -12.27 4.71 2.62
CA LEU A 130 -12.73 5.93 1.95
C LEU A 130 -11.86 7.13 2.31
N GLY A 131 -11.42 7.20 3.57
CA GLY A 131 -10.60 8.30 4.03
C GLY A 131 -9.19 8.26 3.46
N THR A 132 -8.61 7.06 3.44
CA THR A 132 -7.26 6.87 2.90
C THR A 132 -7.24 7.19 1.42
N GLY A 133 -8.33 6.82 0.73
CA GLY A 133 -8.46 7.11 -0.69
C GLY A 133 -8.45 8.59 -0.99
N LEU A 134 -8.87 9.40 0.00
CA LEU A 134 -8.89 10.84 -0.16
C LEU A 134 -7.58 11.48 0.30
N LEU A 135 -7.06 11.02 1.44
CA LEU A 135 -5.87 11.63 2.04
C LEU A 135 -4.58 11.19 1.36
N LYS A 136 -4.34 9.88 1.35
CA LYS A 136 -3.07 9.31 0.88
C LYS A 136 -2.54 9.80 -0.47
N PRO A 137 -3.38 9.76 -1.53
CA PRO A 137 -2.81 10.18 -2.82
C PRO A 137 -2.68 11.69 -2.95
N ASN A 138 -3.43 12.43 -2.16
CA ASN A 138 -3.51 13.89 -2.31
C ASN A 138 -2.52 14.67 -1.45
N VAL A 139 -2.08 14.08 -0.35
CA VAL A 139 -1.14 14.75 0.54
C VAL A 139 0.22 14.96 -0.13
N SER A 140 0.66 13.97 -0.91
CA SER A 140 1.92 14.07 -1.63
C SER A 140 1.80 15.07 -2.77
N SER A 141 0.58 15.28 -3.24
CA SER A 141 0.32 16.22 -4.33
C SER A 141 0.49 17.66 -3.87
N ILE A 142 0.13 17.93 -2.62
CA ILE A 142 0.28 19.27 -2.05
C ILE A 142 1.75 19.64 -1.90
N VAL A 143 2.57 18.63 -1.61
CA VAL A 143 4.00 18.85 -1.38
C VAL A 143 4.71 19.34 -2.64
N GLY A 144 4.14 19.05 -3.80
CA GLY A 144 4.69 19.51 -5.06
C GLY A 144 4.31 20.95 -5.34
N ASP A 145 3.18 21.37 -4.77
CA ASP A 145 2.69 22.74 -4.95
C ASP A 145 3.53 23.76 -4.19
N MET A 146 4.43 23.28 -3.35
CA MET A 146 5.28 24.16 -2.55
C MET A 146 6.54 24.56 -3.30
N TYR A 147 6.85 23.85 -4.38
CA TYR A 147 8.11 24.08 -5.11
C TYR A 147 7.89 24.71 -6.48
N LYS A 148 8.54 25.85 -6.70
CA LYS A 148 8.43 26.58 -7.96
C LYS A 148 9.14 25.85 -9.10
N PRO A 149 8.63 25.98 -10.33
CA PRO A 149 9.25 25.39 -11.51
C PRO A 149 10.73 25.77 -11.64
N GLY A 150 11.61 24.83 -11.29
CA GLY A 150 13.04 25.09 -11.33
C GLY A 150 13.67 24.90 -9.97
N ASP A 151 12.85 24.66 -8.96
CA ASP A 151 13.33 24.43 -7.61
C ASP A 151 14.07 23.10 -7.54
N ASP A 152 15.34 23.15 -7.16
CA ASP A 152 16.18 21.96 -7.13
C ASP A 152 15.89 21.10 -5.90
N ARG A 153 15.35 21.73 -4.86
CA ARG A 153 15.12 21.06 -3.58
C ARG A 153 13.96 20.07 -3.61
N ARG A 154 13.18 20.10 -4.70
CA ARG A 154 11.95 19.30 -4.80
C ARG A 154 12.13 17.84 -4.45
N ASP A 155 13.08 17.18 -5.10
CA ASP A 155 13.34 15.76 -4.87
C ASP A 155 13.75 15.47 -3.43
N ALA A 156 14.48 16.40 -2.83
CA ALA A 156 14.90 16.25 -1.44
C ALA A 156 13.71 16.37 -0.50
N GLY A 157 12.80 17.28 -0.82
CA GLY A 157 11.59 17.48 -0.03
C GLY A 157 10.70 16.25 -0.08
N PHE A 158 10.55 15.68 -1.28
CA PHE A 158 9.79 14.45 -1.47
C PHE A 158 10.40 13.30 -0.69
N SER A 159 11.74 13.23 -0.68
CA SER A 159 12.46 12.17 0.03
C SER A 159 12.23 12.26 1.54
N ILE A 160 12.14 13.47 2.05
CA ILE A 160 11.82 13.70 3.46
C ILE A 160 10.39 13.23 3.74
N PHE A 161 9.50 13.52 2.80
CA PHE A 161 8.10 13.16 2.91
C PHE A 161 7.90 11.65 3.00
N TYR A 162 8.57 10.92 2.11
CA TYR A 162 8.45 9.47 2.05
C TYR A 162 9.12 8.80 3.25
N MET A 163 10.01 9.52 3.91
CA MET A 163 10.66 9.01 5.11
C MET A 163 9.64 8.90 6.24
N GLY A 164 8.59 9.71 6.16
CA GLY A 164 7.52 9.69 7.14
C GLY A 164 6.70 8.42 7.07
N ILE A 165 6.58 7.85 5.87
CA ILE A 165 5.85 6.60 5.68
C ILE A 165 6.55 5.45 6.39
N ASN A 166 7.80 5.21 6.02
CA ASN A 166 8.61 4.15 6.63
C ASN A 166 8.72 4.30 8.13
N LEU A 167 8.90 5.54 8.59
CA LEU A 167 9.05 5.84 10.01
C LEU A 167 7.80 5.43 10.78
N GLY A 168 6.63 5.72 10.21
CA GLY A 168 5.37 5.32 10.81
C GLY A 168 5.24 3.82 10.82
N ALA A 169 5.63 3.18 9.73
CA ALA A 169 5.54 1.74 9.59
C ALA A 169 6.42 0.99 10.60
N PHE A 170 7.53 1.62 10.99
CA PHE A 170 8.44 1.01 11.95
C PHE A 170 7.99 1.21 13.38
N LEU A 171 7.66 2.45 13.72
CA LEU A 171 7.29 2.81 15.09
C LEU A 171 5.96 2.23 15.54
N ALA A 172 4.93 2.36 14.70
CA ALA A 172 3.56 1.98 15.05
C ALA A 172 3.36 0.59 15.69
N PRO A 173 3.97 -0.47 15.12
CA PRO A 173 3.79 -1.77 15.76
C PRO A 173 4.48 -1.84 17.12
N LEU A 174 5.54 -1.07 17.30
CA LEU A 174 6.28 -1.06 18.56
C LEU A 174 5.57 -0.21 19.61
N VAL A 175 4.47 0.42 19.22
CA VAL A 175 3.68 1.24 20.12
C VAL A 175 2.26 0.67 20.27
N VAL A 176 1.50 0.71 19.17
CA VAL A 176 0.13 0.20 19.16
C VAL A 176 0.11 -1.30 19.41
N GLY A 177 1.06 -2.02 18.80
CA GLY A 177 1.20 -3.44 19.01
C GLY A 177 1.46 -3.78 20.47
N THR A 178 2.49 -3.17 21.04
CA THR A 178 2.85 -3.40 22.43
C THR A 178 1.70 -3.03 23.37
N ALA A 179 0.95 -2.00 23.01
CA ALA A 179 -0.19 -1.57 23.81
C ALA A 179 -1.39 -2.48 23.61
N GLY A 180 -1.79 -2.67 22.36
CA GLY A 180 -2.97 -3.47 22.04
C GLY A 180 -2.86 -4.93 22.43
N MET A 181 -1.71 -5.53 22.16
CA MET A 181 -1.51 -6.95 22.44
C MET A 181 -1.38 -7.25 23.93
N LYS A 182 -0.46 -6.55 24.59
CA LYS A 182 -0.18 -6.81 26.00
C LYS A 182 -1.31 -6.33 26.93
N TYR A 183 -1.86 -5.17 26.63
CA TYR A 183 -2.88 -4.57 27.50
C TYR A 183 -4.29 -4.85 27.00
N ASN A 184 -4.79 -3.96 26.13
CA ASN A 184 -6.16 -4.02 25.67
C ASN A 184 -6.27 -3.73 24.17
N PHE A 185 -7.02 -4.56 23.45
CA PHE A 185 -7.17 -4.41 22.02
C PHE A 185 -7.81 -3.08 21.62
N HIS A 186 -8.82 -2.65 22.38
CA HIS A 186 -9.45 -1.37 22.13
C HIS A 186 -8.53 -0.21 22.47
N LEU A 187 -7.56 -0.47 23.35
CA LEU A 187 -6.56 0.53 23.71
C LEU A 187 -5.60 0.77 22.55
N GLY A 188 -5.17 -0.31 21.90
CA GLY A 188 -4.29 -0.22 20.76
C GLY A 188 -4.96 0.53 19.63
N PHE A 189 -6.23 0.23 19.41
CA PHE A 189 -7.03 0.94 18.42
C PHE A 189 -7.29 2.38 18.86
N GLY A 190 -7.16 2.61 20.16
CA GLY A 190 -7.36 3.93 20.73
C GLY A 190 -6.19 4.86 20.45
N LEU A 191 -4.98 4.33 20.53
CA LEU A 191 -3.78 5.11 20.29
C LEU A 191 -3.62 5.44 18.81
N ALA A 192 -4.31 4.67 17.97
CA ALA A 192 -4.34 4.94 16.54
C ALA A 192 -5.16 6.19 16.26
N ALA A 193 -6.32 6.27 16.90
CA ALA A 193 -7.21 7.43 16.75
C ALA A 193 -6.56 8.70 17.26
N VAL A 194 -5.98 8.63 18.45
CA VAL A 194 -5.28 9.76 19.07
C VAL A 194 -4.19 10.29 18.14
N GLY A 195 -3.42 9.37 17.55
CA GLY A 195 -2.37 9.73 16.62
C GLY A 195 -2.90 10.41 15.38
N MET A 196 -3.92 9.81 14.77
CA MET A 196 -4.54 10.37 13.57
C MET A 196 -5.14 11.75 13.86
N PHE A 197 -5.62 11.94 15.08
CA PHE A 197 -6.17 13.21 15.51
C PHE A 197 -5.10 14.29 15.49
N LEU A 198 -3.91 13.94 15.98
CA LEU A 198 -2.76 14.84 15.96
C LEU A 198 -2.47 15.30 14.53
N GLY A 199 -2.55 14.36 13.59
CA GLY A 199 -2.31 14.66 12.19
C GLY A 199 -3.30 15.70 11.67
N LEU A 200 -4.57 15.53 12.04
CA LEU A 200 -5.60 16.48 11.64
C LEU A 200 -5.38 17.85 12.25
N VAL A 201 -4.99 17.83 13.52
CA VAL A 201 -4.77 19.05 14.27
C VAL A 201 -3.61 19.87 13.70
N VAL A 202 -2.52 19.19 13.34
CA VAL A 202 -1.35 19.80 12.71
C VAL A 202 -1.67 20.33 11.31
N PHE A 203 -2.56 19.64 10.58
CA PHE A 203 -2.94 20.06 9.24
C PHE A 203 -3.84 21.27 9.28
N VAL A 204 -4.99 21.12 9.94
CA VAL A 204 -5.98 22.18 9.95
C VAL A 204 -5.44 23.48 10.56
N ALA A 205 -4.59 23.36 11.58
CA ALA A 205 -4.14 24.57 12.28
C ALA A 205 -3.03 25.32 11.54
N THR A 206 -2.18 24.59 10.83
CA THR A 206 -1.00 25.19 10.23
C THR A 206 -1.02 25.26 8.70
N ARG A 207 -2.19 25.05 8.09
CA ARG A 207 -2.28 25.08 6.64
C ARG A 207 -2.55 26.48 6.10
N LYS A 208 -3.15 27.33 6.94
CA LYS A 208 -3.45 28.70 6.54
C LYS A 208 -2.16 29.51 6.34
N LYS A 209 -1.16 29.24 7.18
CA LYS A 209 0.08 29.99 7.14
C LYS A 209 1.16 29.32 6.29
N ASN A 210 1.24 28.00 6.39
CA ASN A 210 2.35 27.27 5.77
C ASN A 210 2.11 26.87 4.32
N LEU A 211 0.88 26.51 3.98
CA LEU A 211 0.57 26.04 2.63
C LEU A 211 0.00 27.13 1.73
N GLY A 212 -0.74 28.06 2.31
CA GLY A 212 -1.33 29.15 1.55
C GLY A 212 -2.33 28.69 0.52
N LEU A 213 -2.00 28.90 -0.75
CA LEU A 213 -2.91 28.56 -1.86
C LEU A 213 -2.72 27.13 -2.33
N ALA A 214 -1.89 26.37 -1.63
CA ALA A 214 -1.58 24.99 -2.02
C ALA A 214 -2.79 24.07 -1.93
N GLY A 215 -3.24 23.58 -3.08
CA GLY A 215 -4.29 22.59 -3.15
C GLY A 215 -5.68 23.07 -2.78
N THR A 216 -5.82 24.37 -2.56
CA THR A 216 -7.11 24.95 -2.21
C THR A 216 -7.92 25.28 -3.45
N TYR A 217 -7.34 24.97 -4.60
CA TYR A 217 -7.98 25.20 -5.89
C TYR A 217 -8.42 23.87 -6.50
N VAL A 218 -9.41 23.93 -7.38
CA VAL A 218 -9.85 22.74 -8.11
C VAL A 218 -9.17 22.71 -9.49
N PRO A 219 -8.20 21.81 -9.66
CA PRO A 219 -7.36 21.73 -10.86
C PRO A 219 -8.16 21.50 -12.14
N ASN A 220 -9.11 20.58 -12.11
CA ASN A 220 -9.86 20.21 -13.31
C ASN A 220 -11.35 20.02 -13.02
N PRO A 221 -12.07 21.14 -12.83
CA PRO A 221 -13.47 21.11 -12.39
C PRO A 221 -14.44 20.55 -13.43
N LEU A 222 -15.60 20.12 -12.96
CA LEU A 222 -16.64 19.57 -13.83
C LEU A 222 -17.38 20.67 -14.57
N THR A 223 -17.61 20.48 -15.87
CA THR A 223 -18.44 21.39 -16.65
C THR A 223 -19.88 21.24 -16.16
N PRO A 224 -20.70 22.29 -16.34
CA PRO A 224 -22.10 22.30 -15.88
C PRO A 224 -22.87 21.01 -16.17
N ALA A 225 -22.87 20.56 -17.41
CA ALA A 225 -23.58 19.34 -17.78
C ALA A 225 -22.98 18.10 -17.13
N GLU A 226 -21.67 18.12 -16.92
CA GLU A 226 -20.97 17.00 -16.30
C GLU A 226 -21.30 16.87 -14.82
N LYS A 227 -21.60 17.99 -14.18
CA LYS A 227 -21.98 17.98 -12.76
C LYS A 227 -23.28 17.20 -12.55
N LYS A 228 -24.17 17.27 -13.54
CA LYS A 228 -25.46 16.60 -13.46
C LYS A 228 -25.31 15.09 -13.59
N LYS A 229 -24.65 14.66 -14.67
CA LYS A 229 -24.47 13.23 -14.96
C LYS A 229 -23.76 12.50 -13.82
N ALA A 230 -22.71 13.12 -13.30
CA ALA A 230 -21.93 12.51 -12.22
C ALA A 230 -22.78 12.33 -10.97
N ALA A 231 -23.54 13.36 -10.61
CA ALA A 231 -24.43 13.30 -9.46
C ALA A 231 -25.56 12.31 -9.68
N ALA A 232 -26.01 12.21 -10.93
CA ALA A 232 -27.09 11.29 -11.28
C ALA A 232 -26.65 9.83 -11.12
N ILE A 233 -25.50 9.50 -11.70
CA ILE A 233 -24.92 8.17 -11.59
C ILE A 233 -24.74 7.77 -10.13
N MET A 234 -24.13 8.69 -9.38
CA MET A 234 -23.93 8.51 -7.94
C MET A 234 -25.26 8.24 -7.24
N ALA A 235 -26.28 9.01 -7.60
CA ALA A 235 -27.61 8.85 -7.03
C ALA A 235 -28.25 7.54 -7.48
N VAL A 236 -28.20 7.28 -8.78
CA VAL A 236 -28.71 6.03 -9.35
C VAL A 236 -28.00 4.84 -8.72
N GLY A 237 -26.68 4.90 -8.66
CA GLY A 237 -25.89 3.86 -8.04
C GLY A 237 -26.25 3.64 -6.59
N ALA A 238 -26.54 4.73 -5.88
CA ALA A 238 -26.90 4.67 -4.47
C ALA A 238 -28.23 3.94 -4.25
N VAL A 239 -29.16 4.09 -5.19
CA VAL A 239 -30.46 3.44 -5.09
C VAL A 239 -30.37 1.99 -5.56
N VAL A 240 -29.51 1.74 -6.54
CA VAL A 240 -29.32 0.40 -7.08
C VAL A 240 -28.62 -0.54 -6.09
N ILE A 241 -27.61 -0.03 -5.38
CA ILE A 241 -26.90 -0.84 -4.40
C ILE A 241 -27.77 -1.17 -3.19
N ALA A 242 -28.67 -0.27 -2.85
CA ALA A 242 -29.48 -0.40 -1.64
C ALA A 242 -30.55 -1.49 -1.77
N VAL A 243 -31.08 -1.67 -2.97
CA VAL A 243 -32.12 -2.66 -3.20
C VAL A 243 -31.53 -4.07 -3.27
N LEU A 244 -30.30 -4.18 -3.79
CA LEU A 244 -29.60 -5.46 -3.80
C LEU A 244 -29.21 -5.84 -2.38
N LEU A 245 -28.93 -4.83 -1.57
CA LEU A 245 -28.65 -5.01 -0.16
C LEU A 245 -29.83 -5.67 0.54
N ALA A 246 -31.03 -5.19 0.24
CA ALA A 246 -32.25 -5.74 0.81
C ALA A 246 -32.68 -7.01 0.08
N PHE A 254 -25.82 -12.26 0.16
CA PHE A 254 -24.58 -11.48 0.13
C PHE A 254 -23.86 -11.57 1.47
N THR A 255 -22.97 -12.56 1.59
CA THR A 255 -22.19 -12.73 2.80
C THR A 255 -20.92 -11.90 2.73
N VAL A 256 -20.09 -11.98 3.76
CA VAL A 256 -18.80 -11.32 3.74
C VAL A 256 -17.88 -12.03 2.74
N GLU A 257 -18.06 -13.35 2.64
CA GLU A 257 -17.27 -14.16 1.72
C GLU A 257 -17.69 -13.93 0.28
N THR A 258 -18.91 -13.45 0.08
CA THR A 258 -19.38 -13.10 -1.25
C THR A 258 -18.65 -11.85 -1.72
N PHE A 259 -18.58 -10.86 -0.84
CA PHE A 259 -17.88 -9.61 -1.10
C PHE A 259 -16.40 -9.88 -1.39
N ILE A 260 -15.84 -10.86 -0.68
CA ILE A 260 -14.45 -11.26 -0.88
C ILE A 260 -14.24 -11.84 -2.27
N SER A 261 -15.12 -12.75 -2.67
CA SER A 261 -15.06 -13.35 -4.00
C SER A 261 -15.20 -12.28 -5.08
N LEU A 262 -16.07 -11.31 -4.82
CA LEU A 262 -16.30 -10.21 -5.76
C LEU A 262 -15.02 -9.39 -5.96
N VAL A 263 -14.38 -9.00 -4.87
CA VAL A 263 -13.13 -8.26 -4.95
C VAL A 263 -12.05 -9.10 -5.64
N GLY A 264 -12.04 -10.39 -5.32
CA GLY A 264 -11.08 -11.31 -5.90
C GLY A 264 -11.15 -11.39 -7.42
N ILE A 265 -12.37 -11.41 -7.95
CA ILE A 265 -12.55 -11.46 -9.40
C ILE A 265 -12.39 -10.08 -10.03
N LEU A 266 -12.63 -9.03 -9.24
CA LEU A 266 -12.39 -7.67 -9.70
C LEU A 266 -10.90 -7.45 -9.85
N GLY A 267 -10.12 -8.10 -8.98
CA GLY A 267 -8.68 -7.99 -9.03
C GLY A 267 -8.07 -8.74 -10.20
N ILE A 268 -8.93 -9.31 -11.04
CA ILE A 268 -8.46 -10.02 -12.24
C ILE A 268 -9.09 -9.42 -13.50
N ILE A 269 -10.38 -9.13 -13.44
CA ILE A 269 -11.09 -8.52 -14.56
C ILE A 269 -10.56 -7.13 -14.88
N ILE A 270 -10.43 -6.29 -13.86
CA ILE A 270 -9.98 -4.91 -14.03
C ILE A 270 -8.61 -4.76 -14.73
N PRO A 271 -7.59 -5.53 -14.32
CA PRO A 271 -6.33 -5.45 -15.07
C PRO A 271 -6.51 -5.85 -16.53
N ILE A 272 -7.28 -6.90 -16.78
CA ILE A 272 -7.59 -7.33 -18.14
C ILE A 272 -8.30 -6.23 -18.92
N ILE A 273 -9.19 -5.51 -18.25
CA ILE A 273 -9.93 -4.41 -18.85
C ILE A 273 -8.99 -3.27 -19.27
N TYR A 274 -8.08 -2.89 -18.37
CA TYR A 274 -7.13 -1.82 -18.64
C TYR A 274 -6.29 -2.09 -19.89
N PHE A 275 -5.78 -3.31 -20.01
CA PHE A 275 -4.92 -3.68 -21.12
C PHE A 275 -5.64 -3.66 -22.47
N VAL A 276 -6.83 -4.24 -22.51
CA VAL A 276 -7.61 -4.28 -23.76
C VAL A 276 -7.96 -2.87 -24.22
N VAL A 277 -8.39 -2.03 -23.28
CA VAL A 277 -8.72 -0.64 -23.57
C VAL A 277 -7.54 0.12 -24.16
N MET A 278 -6.38 0.01 -23.52
CA MET A 278 -5.18 0.68 -23.98
C MET A 278 -4.74 0.17 -25.35
N TYR A 279 -4.67 -1.15 -25.49
CA TYR A 279 -4.20 -1.77 -26.73
C TYR A 279 -5.14 -1.49 -27.91
N ARG A 280 -6.43 -1.37 -27.63
CA ARG A 280 -7.42 -1.14 -28.68
C ARG A 280 -7.79 0.33 -28.84
N SER A 281 -7.05 1.20 -28.16
CA SER A 281 -7.34 2.63 -28.22
C SER A 281 -6.95 3.23 -29.57
N PRO A 282 -7.82 4.09 -30.12
CA PRO A 282 -7.56 4.77 -31.39
C PRO A 282 -6.57 5.91 -31.24
N LYS A 283 -6.30 6.32 -30.01
CA LYS A 283 -5.36 7.40 -29.73
C LYS A 283 -3.92 6.91 -29.61
N THR A 284 -3.72 5.61 -29.81
CA THR A 284 -2.38 5.02 -29.70
C THR A 284 -1.74 4.83 -31.07
N THR A 285 -0.43 4.58 -31.07
CA THR A 285 0.29 4.28 -32.29
C THR A 285 0.66 2.81 -32.31
N ALA A 286 1.11 2.32 -33.47
CA ALA A 286 1.50 0.92 -33.60
C ALA A 286 2.64 0.55 -32.67
N GLU A 287 3.54 1.51 -32.45
CA GLU A 287 4.69 1.29 -31.57
C GLU A 287 4.26 1.27 -30.10
N GLU A 288 3.32 2.15 -29.74
CA GLU A 288 2.85 2.24 -28.37
C GLU A 288 2.11 0.99 -27.92
N ARG A 289 1.41 0.36 -28.85
CA ARG A 289 0.67 -0.87 -28.55
C ARG A 289 1.62 -2.03 -28.24
N SER A 290 2.74 -2.07 -28.96
CA SER A 290 3.75 -3.10 -28.77
C SER A 290 4.38 -3.02 -27.38
N ARG A 291 4.61 -1.80 -26.92
CA ARG A 291 5.16 -1.56 -25.60
C ARG A 291 4.19 -2.02 -24.51
N VAL A 292 2.90 -1.83 -24.76
CA VAL A 292 1.85 -2.28 -23.85
C VAL A 292 1.92 -3.80 -23.68
N ILE A 293 2.09 -4.51 -24.79
CA ILE A 293 2.31 -5.95 -24.76
C ILE A 293 3.57 -6.27 -23.95
N ALA A 294 4.63 -5.53 -24.21
CA ALA A 294 5.90 -5.74 -23.52
C ALA A 294 5.79 -5.44 -22.03
N TYR A 295 4.76 -4.70 -21.64
CA TYR A 295 4.54 -4.35 -20.24
C TYR A 295 3.84 -5.48 -19.48
N ILE A 296 3.18 -6.37 -20.21
CA ILE A 296 2.41 -7.46 -19.60
C ILE A 296 3.20 -8.36 -18.63
N PRO A 297 4.36 -8.90 -19.06
CA PRO A 297 5.08 -9.76 -18.11
C PRO A 297 5.66 -8.96 -16.94
N LEU A 298 5.87 -7.66 -17.15
CA LEU A 298 6.37 -6.80 -16.09
C LEU A 298 5.26 -6.52 -15.08
N PHE A 299 4.01 -6.53 -15.55
CA PHE A 299 2.86 -6.37 -14.66
C PHE A 299 2.64 -7.64 -13.87
N VAL A 300 2.69 -8.78 -14.56
CA VAL A 300 2.50 -10.09 -13.95
C VAL A 300 3.55 -10.34 -12.86
N ALA A 301 4.79 -9.99 -13.17
CA ALA A 301 5.89 -10.16 -12.23
C ALA A 301 5.69 -9.29 -10.99
N SER A 302 5.15 -8.09 -11.20
CA SER A 302 4.87 -7.18 -10.11
C SER A 302 3.83 -7.79 -9.17
N ALA A 303 2.74 -8.27 -9.76
CA ALA A 303 1.66 -8.90 -8.98
C ALA A 303 2.17 -10.08 -8.16
N MET A 304 2.93 -10.95 -8.80
CA MET A 304 3.51 -12.12 -8.13
C MET A 304 4.38 -11.71 -6.95
N PHE A 305 5.17 -10.66 -7.14
CA PHE A 305 6.03 -10.16 -6.08
C PHE A 305 5.22 -9.63 -4.90
N TRP A 306 4.30 -8.71 -5.19
CA TRP A 306 3.49 -8.09 -4.14
C TRP A 306 2.60 -9.11 -3.44
N ALA A 307 2.22 -10.16 -4.15
CA ALA A 307 1.46 -11.26 -3.57
C ALA A 307 2.20 -11.84 -2.38
N ILE A 308 3.49 -12.11 -2.57
CA ILE A 308 4.33 -12.64 -1.50
C ILE A 308 4.67 -11.56 -0.48
N GLN A 309 4.91 -10.35 -0.97
CA GLN A 309 5.29 -9.23 -0.11
C GLN A 309 4.17 -8.86 0.87
N GLN A 310 2.95 -8.72 0.35
CA GLN A 310 1.82 -8.30 1.17
C GLN A 310 1.34 -9.38 2.14
N GLN A 311 1.74 -10.63 1.88
CA GLN A 311 1.38 -11.74 2.76
C GLN A 311 2.14 -11.64 4.09
N GLY A 312 3.17 -10.81 4.11
CA GLY A 312 3.97 -10.61 5.32
C GLY A 312 3.17 -9.98 6.44
N SER A 313 2.11 -9.26 6.07
CA SER A 313 1.25 -8.60 7.04
C SER A 313 0.02 -9.45 7.39
N THR A 314 -0.12 -10.58 6.72
CA THR A 314 -1.27 -11.46 6.94
C THR A 314 -0.85 -12.88 7.33
N ILE A 315 -0.43 -13.66 6.34
CA ILE A 315 -0.04 -15.05 6.54
C ILE A 315 1.08 -15.17 7.57
N LEU A 316 2.14 -14.39 7.36
CA LEU A 316 3.29 -14.43 8.24
C LEU A 316 2.98 -13.78 9.58
N ALA A 317 1.97 -12.92 9.61
CA ALA A 317 1.50 -12.34 10.86
C ALA A 317 0.87 -13.44 11.71
N ASN A 318 0.18 -14.37 11.03
CA ASN A 318 -0.38 -15.53 11.68
C ASN A 318 0.73 -16.52 12.06
N TYR A 319 1.70 -16.69 11.17
CA TYR A 319 2.83 -17.57 11.40
C TYR A 319 3.58 -17.15 12.67
N ALA A 320 3.70 -15.83 12.85
CA ALA A 320 4.33 -15.29 14.05
C ALA A 320 3.47 -15.55 15.27
N ASP A 321 2.17 -15.66 15.06
CA ASP A 321 1.21 -15.84 16.15
C ASP A 321 1.00 -17.32 16.48
N LYS A 322 1.27 -18.19 15.52
CA LYS A 322 0.95 -19.61 15.67
C LYS A 322 2.16 -20.53 15.60
N ARG A 323 3.11 -20.22 14.70
CA ARG A 323 4.19 -21.15 14.40
C ARG A 323 5.56 -20.73 14.91
N THR A 324 5.63 -19.63 15.65
CA THR A 324 6.93 -19.07 16.04
C THR A 324 7.19 -19.13 17.55
N GLN A 325 8.41 -19.50 17.92
CA GLN A 325 8.86 -19.47 19.30
C GLN A 325 8.99 -18.03 19.77
N LEU A 326 8.03 -17.58 20.56
CA LEU A 326 8.00 -16.18 21.01
C LEU A 326 8.82 -15.96 22.28
N ASP A 327 9.01 -17.02 23.05
CA ASP A 327 9.78 -16.92 24.29
C ASP A 327 11.27 -17.17 24.07
N VAL A 328 12.03 -16.08 23.93
CA VAL A 328 13.47 -16.16 23.75
C VAL A 328 14.20 -15.27 24.77
N ALA A 329 15.15 -15.86 25.47
CA ALA A 329 15.97 -15.14 26.46
C ALA A 329 15.15 -14.46 27.54
N GLY A 330 14.19 -15.19 28.10
CA GLY A 330 13.42 -14.69 29.23
C GLY A 330 12.34 -13.68 28.89
N ILE A 331 12.46 -13.05 27.73
CA ILE A 331 11.49 -12.04 27.31
C ILE A 331 10.49 -12.58 26.30
N HIS A 332 9.21 -12.31 26.53
CA HIS A 332 8.15 -12.74 25.62
C HIS A 332 7.88 -11.68 24.56
N LEU A 333 8.11 -12.05 23.31
CA LEU A 333 7.91 -11.13 22.19
C LEU A 333 6.43 -11.05 21.80
N SER A 334 6.01 -9.89 21.34
CA SER A 334 4.68 -9.73 20.77
C SER A 334 4.75 -9.97 19.27
N PRO A 335 3.78 -10.72 18.73
CA PRO A 335 3.79 -11.12 17.32
C PRO A 335 3.68 -9.94 16.36
N ALA A 336 2.93 -8.92 16.76
CA ALA A 336 2.71 -7.75 15.92
C ALA A 336 4.00 -6.98 15.66
N TRP A 337 4.96 -7.12 16.55
CA TRP A 337 6.25 -6.45 16.43
C TRP A 337 7.01 -6.85 15.17
N PHE A 338 6.68 -8.03 14.65
CA PHE A 338 7.32 -8.54 13.44
C PHE A 338 6.97 -7.71 12.20
N GLN A 339 5.96 -6.85 12.33
CA GLN A 339 5.56 -5.96 11.24
C GLN A 339 6.54 -4.81 11.08
N SER A 340 7.33 -4.56 12.12
CA SER A 340 8.30 -3.47 12.10
C SER A 340 9.53 -3.83 11.27
N LEU A 341 9.65 -5.11 10.93
CA LEU A 341 10.84 -5.62 10.25
C LEU A 341 11.00 -5.13 8.81
N ASN A 342 9.91 -5.09 8.07
CA ASN A 342 9.95 -4.61 6.68
C ASN A 342 10.46 -3.17 6.51
N PRO A 343 9.84 -2.19 7.21
CA PRO A 343 10.31 -0.82 6.99
C PRO A 343 11.69 -0.58 7.59
N LEU A 344 12.03 -1.32 8.65
CA LEU A 344 13.33 -1.20 9.29
C LEU A 344 14.45 -1.55 8.32
N PHE A 345 14.28 -2.64 7.58
CA PHE A 345 15.27 -3.07 6.61
C PHE A 345 15.32 -2.14 5.40
N ILE A 346 14.16 -1.56 5.05
CA ILE A 346 14.11 -0.58 3.98
C ILE A 346 14.92 0.66 4.34
N ILE A 347 14.68 1.19 5.54
CA ILE A 347 15.43 2.34 6.05
C ILE A 347 16.94 2.09 6.00
N ILE A 348 17.34 0.90 6.41
CA ILE A 348 18.75 0.54 6.48
C ILE A 348 19.38 0.29 5.11
N LEU A 349 18.75 -0.58 4.32
CA LEU A 349 19.37 -1.07 3.08
C LEU A 349 19.20 -0.17 1.86
N ALA A 350 18.25 0.76 1.92
CA ALA A 350 18.00 1.67 0.81
C ALA A 350 19.22 2.49 0.36
N PRO A 351 19.97 3.09 1.31
CA PRO A 351 21.16 3.82 0.87
C PRO A 351 22.26 2.87 0.41
N VAL A 352 22.24 1.64 0.92
CA VAL A 352 23.24 0.65 0.53
C VAL A 352 22.99 0.21 -0.90
N PHE A 353 21.74 0.00 -1.25
CA PHE A 353 21.35 -0.33 -2.61
C PHE A 353 21.61 0.84 -3.55
N ALA A 354 21.26 2.04 -3.09
CA ALA A 354 21.47 3.26 -3.87
C ALA A 354 22.93 3.44 -4.24
N TRP A 355 23.81 3.20 -3.28
CA TRP A 355 25.24 3.29 -3.51
C TRP A 355 25.69 2.21 -4.50
N MET A 356 25.03 1.05 -4.44
CA MET A 356 25.38 -0.08 -5.29
C MET A 356 25.12 0.22 -6.76
N TRP A 357 23.94 0.75 -7.06
CA TRP A 357 23.55 1.04 -8.44
C TRP A 357 24.45 2.10 -9.07
N VAL A 358 24.97 3.01 -8.25
CA VAL A 358 25.89 4.03 -8.72
C VAL A 358 27.28 3.42 -8.94
N LYS A 359 27.67 2.53 -8.03
CA LYS A 359 28.94 1.82 -8.15
C LYS A 359 28.96 0.95 -9.40
N LEU A 360 27.81 0.37 -9.73
CA LEU A 360 27.68 -0.46 -10.92
C LEU A 360 27.74 0.39 -12.19
N GLY A 361 26.97 1.47 -12.21
CA GLY A 361 26.96 2.38 -13.34
C GLY A 361 26.30 1.79 -14.58
N LYS A 362 27.10 1.52 -15.59
CA LYS A 362 26.60 0.96 -16.85
C LYS A 362 26.45 -0.55 -16.77
N ARG A 363 27.21 -1.16 -15.86
CA ARG A 363 27.18 -2.61 -15.68
C ARG A 363 26.00 -3.07 -14.83
N GLN A 364 25.17 -2.11 -14.42
CA GLN A 364 24.00 -2.43 -13.61
C GLN A 364 22.93 -3.14 -14.44
N PRO A 365 22.17 -4.04 -13.80
CA PRO A 365 21.08 -4.74 -14.48
C PRO A 365 20.00 -3.78 -14.96
N THR A 366 19.34 -4.12 -16.06
CA THR A 366 18.27 -3.29 -16.60
C THR A 366 17.03 -3.36 -15.73
N ILE A 367 16.05 -2.51 -16.04
CA ILE A 367 14.78 -2.51 -15.31
C ILE A 367 14.03 -3.86 -15.36
N PRO A 368 13.90 -4.47 -16.55
CA PRO A 368 13.26 -5.80 -16.56
C PRO A 368 14.04 -6.83 -15.75
N GLN A 369 15.37 -6.69 -15.78
CA GLN A 369 16.24 -7.59 -15.04
C GLN A 369 16.05 -7.44 -13.54
N LYS A 370 15.79 -6.22 -13.10
CA LYS A 370 15.57 -5.94 -11.68
C LYS A 370 14.22 -6.45 -11.19
N PHE A 371 13.26 -6.56 -12.11
CA PHE A 371 11.95 -7.12 -11.79
C PHE A 371 12.10 -8.59 -11.45
N ALA A 372 12.95 -9.28 -12.21
CA ALA A 372 13.19 -10.70 -11.99
C ALA A 372 13.93 -10.95 -10.68
N LEU A 373 14.84 -10.03 -10.34
CA LEU A 373 15.61 -10.12 -9.10
C LEU A 373 14.69 -10.08 -7.89
N GLY A 374 13.68 -9.21 -7.96
CA GLY A 374 12.67 -9.15 -6.93
C GLY A 374 11.88 -10.44 -6.86
N LEU A 375 11.65 -11.03 -8.03
CA LEU A 375 10.88 -12.26 -8.14
C LEU A 375 11.67 -13.43 -7.57
N LEU A 376 13.00 -13.41 -7.77
CA LEU A 376 13.87 -14.44 -7.23
C LEU A 376 13.91 -14.40 -5.70
N PHE A 377 14.06 -13.20 -5.14
CA PHE A 377 14.13 -13.04 -3.69
C PHE A 377 12.78 -13.30 -3.03
N ALA A 378 11.71 -12.96 -3.73
CA ALA A 378 10.35 -13.19 -3.21
C ALA A 378 10.10 -14.67 -3.00
N GLY A 379 10.29 -15.44 -4.07
CA GLY A 379 10.13 -16.89 -4.01
C GLY A 379 11.12 -17.55 -3.08
N LEU A 380 12.31 -16.96 -2.96
CA LEU A 380 13.34 -17.50 -2.09
C LEU A 380 12.98 -17.31 -0.62
N SER A 381 12.34 -16.19 -0.31
CA SER A 381 11.92 -15.89 1.05
C SER A 381 10.93 -16.93 1.56
N PHE A 382 10.08 -17.42 0.66
CA PHE A 382 9.13 -18.47 1.00
C PHE A 382 9.81 -19.83 1.13
N ILE A 383 10.83 -20.06 0.31
CA ILE A 383 11.61 -21.30 0.37
C ILE A 383 12.26 -21.44 1.74
N VAL A 384 12.87 -20.36 2.20
CA VAL A 384 13.48 -20.32 3.53
C VAL A 384 12.43 -20.51 4.62
N ILE A 385 11.30 -19.81 4.48
CA ILE A 385 10.27 -19.81 5.50
C ILE A 385 9.62 -21.17 5.73
N LEU A 386 9.68 -22.05 4.72
CA LEU A 386 9.09 -23.38 4.85
C LEU A 386 10.08 -24.40 5.42
N VAL A 387 11.37 -24.08 5.33
CA VAL A 387 12.43 -24.99 5.78
C VAL A 387 12.39 -25.38 7.27
N PRO A 388 12.35 -24.41 8.19
CA PRO A 388 12.49 -24.80 9.61
C PRO A 388 11.31 -25.62 10.12
N GLY A 389 10.13 -25.37 9.58
CA GLY A 389 8.95 -26.13 9.95
C GLY A 389 8.98 -27.52 9.34
N HIS A 390 9.80 -27.67 8.30
CA HIS A 390 9.95 -28.95 7.63
C HIS A 390 11.01 -29.80 8.31
N LEU A 391 12.09 -29.17 8.75
CA LEU A 391 13.18 -29.86 9.43
C LEU A 391 12.74 -30.38 10.80
N SER A 392 12.11 -29.52 11.59
CA SER A 392 11.66 -29.92 12.91
C SER A 392 10.48 -30.87 12.82
N GLY A 393 10.38 -31.79 13.77
CA GLY A 393 9.28 -32.73 13.81
C GLY A 393 7.95 -32.03 14.06
N GLY A 394 8.02 -30.91 14.76
CA GLY A 394 6.84 -30.12 15.07
C GLY A 394 7.13 -29.07 16.14
N GLY A 395 6.11 -28.30 16.48
CA GLY A 395 6.25 -27.27 17.50
C GLY A 395 6.64 -25.92 16.92
N LEU A 396 7.16 -25.05 17.77
CA LEU A 396 7.50 -23.68 17.37
C LEU A 396 8.88 -23.59 16.77
N VAL A 397 9.04 -22.68 15.81
CA VAL A 397 10.32 -22.48 15.15
C VAL A 397 10.99 -21.21 15.66
N HIS A 398 12.30 -21.10 15.44
CA HIS A 398 13.05 -19.93 15.85
C HIS A 398 12.60 -18.72 15.04
N PRO A 399 12.40 -17.57 15.71
CA PRO A 399 12.02 -16.33 15.03
C PRO A 399 13.09 -15.84 14.04
N ILE A 400 14.31 -16.37 14.15
CA ILE A 400 15.39 -15.99 13.25
C ILE A 400 15.05 -16.36 11.80
N TRP A 401 14.22 -17.40 11.64
CA TRP A 401 13.80 -17.85 10.32
C TRP A 401 12.80 -16.88 9.70
N LEU A 402 11.87 -16.41 10.51
CA LEU A 402 10.87 -15.45 10.05
C LEU A 402 11.54 -14.10 9.77
N VAL A 403 12.47 -13.72 10.65
CA VAL A 403 13.25 -12.49 10.46
C VAL A 403 14.06 -12.54 9.17
N LEU A 404 14.71 -13.68 8.93
CA LEU A 404 15.50 -13.88 7.72
C LEU A 404 14.60 -13.87 6.49
N SER A 405 13.34 -14.26 6.67
CA SER A 405 12.38 -14.28 5.58
C SER A 405 12.01 -12.88 5.13
N TYR A 406 11.80 -11.99 6.10
CA TYR A 406 11.51 -10.58 5.80
C TYR A 406 12.69 -9.93 5.12
N PHE A 407 13.89 -10.21 5.63
CA PHE A 407 15.13 -9.61 5.13
C PHE A 407 15.32 -9.87 3.64
N ILE A 408 15.06 -11.12 3.22
CA ILE A 408 15.20 -11.50 1.83
C ILE A 408 14.17 -10.81 0.93
N VAL A 409 12.94 -10.70 1.43
CA VAL A 409 11.87 -10.07 0.66
C VAL A 409 12.14 -8.56 0.46
N VAL A 410 12.92 -7.98 1.37
CA VAL A 410 13.29 -6.57 1.26
C VAL A 410 14.27 -6.38 0.12
N LEU A 411 15.21 -7.31 0.00
CA LEU A 411 16.18 -7.31 -1.09
C LEU A 411 15.44 -7.31 -2.43
N GLY A 412 14.38 -8.12 -2.51
CA GLY A 412 13.56 -8.17 -3.69
C GLY A 412 12.78 -6.89 -3.91
N GLU A 413 12.46 -6.21 -2.81
CA GLU A 413 11.68 -4.99 -2.89
C GLU A 413 12.50 -3.79 -3.35
N LEU A 414 13.70 -3.65 -2.82
CA LEU A 414 14.58 -2.54 -3.18
C LEU A 414 15.09 -2.65 -4.62
N CYS A 415 14.94 -3.84 -5.20
CA CYS A 415 15.30 -4.06 -6.59
C CYS A 415 14.15 -3.68 -7.52
N LEU A 416 12.96 -4.16 -7.21
CA LEU A 416 11.80 -4.02 -8.09
C LEU A 416 11.06 -2.69 -7.91
N SER A 417 10.77 -2.34 -6.66
CA SER A 417 9.93 -1.18 -6.36
C SER A 417 10.39 0.19 -6.90
N PRO A 418 11.69 0.55 -6.71
CA PRO A 418 12.12 1.86 -7.18
C PRO A 418 11.99 2.07 -8.69
N VAL A 419 12.01 1.00 -9.47
CA VAL A 419 11.92 1.11 -10.92
C VAL A 419 10.53 0.73 -11.42
N GLY A 420 9.60 0.54 -10.49
CA GLY A 420 8.25 0.15 -10.85
C GLY A 420 7.48 1.22 -11.60
N LEU A 421 7.48 2.43 -11.05
CA LEU A 421 6.79 3.55 -11.69
C LEU A 421 7.46 3.87 -13.02
N SER A 422 8.79 3.86 -13.02
CA SER A 422 9.57 4.18 -14.20
C SER A 422 9.27 3.24 -15.36
N ALA A 423 9.19 1.95 -15.06
CA ALA A 423 8.87 0.95 -16.08
C ALA A 423 7.48 1.18 -16.66
N THR A 424 6.56 1.61 -15.80
CA THR A 424 5.19 1.88 -16.22
C THR A 424 5.12 3.07 -17.17
N THR A 425 5.75 4.18 -16.77
CA THR A 425 5.77 5.39 -17.57
C THR A 425 6.47 5.19 -18.91
N LYS A 426 7.56 4.44 -18.89
CA LYS A 426 8.35 4.18 -20.11
C LYS A 426 7.56 3.41 -21.16
N LEU A 427 6.56 2.64 -20.72
CA LEU A 427 5.83 1.75 -21.61
C LEU A 427 4.40 2.19 -21.89
N ALA A 428 3.84 3.02 -21.01
CA ALA A 428 2.47 3.48 -21.17
C ALA A 428 2.34 4.49 -22.31
N PRO A 429 1.25 4.37 -23.10
CA PRO A 429 0.99 5.29 -24.21
C PRO A 429 0.85 6.73 -23.75
N ALA A 430 1.02 7.67 -24.68
CA ALA A 430 0.95 9.09 -24.36
C ALA A 430 -0.47 9.50 -23.95
N ALA A 431 -1.47 8.89 -24.58
CA ALA A 431 -2.86 9.19 -24.29
C ALA A 431 -3.28 8.67 -22.92
N PHE A 432 -2.48 7.77 -22.37
CA PHE A 432 -2.72 7.22 -21.04
C PHE A 432 -1.62 7.62 -20.06
N SER A 433 -1.05 8.80 -20.26
CA SER A 433 0.03 9.29 -19.41
C SER A 433 -0.46 9.65 -18.01
N ALA A 434 -1.77 9.85 -17.87
CA ALA A 434 -2.35 10.22 -16.59
C ALA A 434 -2.66 9.01 -15.72
N GLN A 435 -3.04 7.91 -16.35
CA GLN A 435 -3.36 6.68 -15.64
C GLN A 435 -2.11 5.92 -15.21
N THR A 436 -0.95 6.55 -15.36
CA THR A 436 0.32 5.85 -15.20
C THR A 436 0.63 5.42 -13.77
N MET A 437 0.18 6.19 -12.79
CA MET A 437 0.46 5.88 -11.39
C MET A 437 -0.55 4.86 -10.87
N SER A 438 -1.77 4.96 -11.34
CA SER A 438 -2.83 4.03 -10.97
C SER A 438 -2.49 2.63 -11.46
N LEU A 439 -1.95 2.55 -12.67
CA LEU A 439 -1.60 1.27 -13.29
C LEU A 439 -0.52 0.54 -12.48
N TRP A 440 0.43 1.32 -11.94
CA TRP A 440 1.46 0.74 -11.09
C TRP A 440 0.88 0.31 -9.75
N PHE A 441 -0.01 1.14 -9.20
CA PHE A 441 -0.71 0.80 -7.97
C PHE A 441 -1.66 -0.36 -8.19
N LEU A 442 -2.05 -0.59 -9.44
CA LEU A 442 -3.04 -1.61 -9.78
C LEU A 442 -2.49 -3.02 -9.61
N SER A 443 -1.21 -3.20 -9.89
CA SER A 443 -0.58 -4.51 -9.78
C SER A 443 -0.50 -4.95 -8.33
N ASN A 444 -0.46 -3.98 -7.42
CA ASN A 444 -0.37 -4.26 -6.00
C ASN A 444 -1.71 -4.70 -5.42
N ALA A 445 -2.77 -3.99 -5.81
CA ALA A 445 -4.12 -4.31 -5.36
C ALA A 445 -4.57 -5.67 -5.89
N ALA A 446 -4.26 -5.93 -7.16
CA ALA A 446 -4.64 -7.18 -7.80
C ALA A 446 -4.04 -8.37 -7.08
N ALA A 447 -2.80 -8.21 -6.62
CA ALA A 447 -2.11 -9.26 -5.87
C ALA A 447 -2.82 -9.58 -4.56
N GLN A 448 -3.33 -8.54 -3.90
CA GLN A 448 -3.96 -8.70 -2.60
C GLN A 448 -5.38 -9.24 -2.71
N ALA A 449 -6.02 -8.99 -3.86
CA ALA A 449 -7.34 -9.55 -4.14
C ALA A 449 -7.21 -11.03 -4.46
N ILE A 450 -6.05 -11.40 -4.98
CA ILE A 450 -5.72 -12.81 -5.24
C ILE A 450 -5.27 -13.48 -3.94
N ASN A 451 -4.48 -12.75 -3.16
CA ASN A 451 -3.97 -13.23 -1.87
C ASN A 451 -5.08 -13.76 -0.96
N ALA A 452 -6.24 -13.12 -1.03
CA ALA A 452 -7.38 -13.48 -0.18
C ALA A 452 -8.01 -14.80 -0.60
N GLN A 453 -7.85 -15.16 -1.87
CA GLN A 453 -8.44 -16.38 -2.40
C GLN A 453 -7.59 -17.59 -2.01
N LEU A 454 -6.32 -17.34 -1.74
CA LEU A 454 -5.36 -18.42 -1.49
C LEU A 454 -5.27 -18.75 -0.01
N VAL A 455 -5.94 -17.93 0.82
CA VAL A 455 -5.91 -18.09 2.27
C VAL A 455 -6.41 -19.46 2.72
N ARG A 456 -7.42 -19.97 2.03
CA ARG A 456 -8.01 -21.26 2.38
C ARG A 456 -6.99 -22.40 2.27
N PHE A 457 -5.93 -22.17 1.50
CA PHE A 457 -4.87 -23.16 1.32
C PHE A 457 -3.88 -23.14 2.50
N TYR A 458 -3.94 -22.09 3.31
CA TYR A 458 -2.99 -21.96 4.42
C TYR A 458 -3.43 -22.74 5.66
N THR A 459 -3.00 -24.00 5.73
CA THR A 459 -3.27 -24.84 6.88
C THR A 459 -1.95 -25.21 7.54
N PRO A 460 -1.98 -25.68 8.79
CA PRO A 460 -0.73 -26.18 9.39
C PRO A 460 -0.26 -27.47 8.71
N GLU A 461 -1.15 -28.09 7.94
CA GLU A 461 -0.86 -29.36 7.28
C GLU A 461 -0.03 -29.16 6.02
N ASN A 462 -0.65 -28.55 5.00
CA ASN A 462 0.04 -28.31 3.73
C ASN A 462 0.78 -26.97 3.73
N GLU A 463 1.31 -26.60 4.89
CA GLU A 463 2.08 -25.38 5.06
C GLU A 463 3.27 -25.36 4.09
N THR A 464 3.96 -26.49 4.02
CA THR A 464 5.10 -26.65 3.12
C THR A 464 4.67 -26.55 1.67
N ALA A 465 3.56 -27.20 1.33
CA ALA A 465 3.01 -27.15 -0.01
C ALA A 465 2.57 -25.74 -0.36
N TYR A 466 2.10 -25.00 0.63
CA TYR A 466 1.67 -23.62 0.43
C TYR A 466 2.85 -22.72 0.06
N PHE A 467 3.82 -22.64 0.97
CA PHE A 467 5.00 -21.80 0.76
C PHE A 467 5.81 -22.24 -0.45
N GLY A 468 5.91 -23.55 -0.65
CA GLY A 468 6.70 -24.11 -1.73
C GLY A 468 6.13 -23.87 -3.11
N THR A 469 4.81 -23.94 -3.24
CA THR A 469 4.16 -23.74 -4.53
C THR A 469 4.19 -22.28 -4.95
N ILE A 470 3.84 -21.39 -4.03
CA ILE A 470 3.86 -19.96 -4.28
C ILE A 470 5.28 -19.47 -4.55
N GLY A 471 6.20 -19.82 -3.66
CA GLY A 471 7.60 -19.46 -3.81
C GLY A 471 8.22 -20.09 -5.03
N GLY A 472 7.80 -21.31 -5.34
CA GLY A 472 8.28 -22.00 -6.52
C GLY A 472 7.83 -21.32 -7.79
N ALA A 473 6.57 -20.91 -7.81
CA ALA A 473 6.02 -20.20 -8.97
C ALA A 473 6.75 -18.89 -9.24
N ALA A 474 7.07 -18.18 -8.16
CA ALA A 474 7.79 -16.91 -8.26
C ALA A 474 9.19 -17.12 -8.85
N LEU A 475 9.86 -18.18 -8.43
CA LEU A 475 11.19 -18.51 -8.94
C LEU A 475 11.12 -18.88 -10.41
N VAL A 476 10.12 -19.69 -10.77
CA VAL A 476 9.90 -20.10 -12.15
C VAL A 476 9.67 -18.89 -13.04
N LEU A 477 8.78 -18.00 -12.61
CA LEU A 477 8.45 -16.79 -13.37
C LEU A 477 9.62 -15.82 -13.46
N GLY A 478 10.44 -15.79 -12.42
CA GLY A 478 11.61 -14.93 -12.39
C GLY A 478 12.63 -15.34 -13.45
N LEU A 479 12.80 -16.64 -13.61
CA LEU A 479 13.72 -17.18 -14.60
C LEU A 479 13.21 -16.94 -16.02
N ILE A 480 11.89 -17.00 -16.19
CA ILE A 480 11.27 -16.73 -17.48
C ILE A 480 11.49 -15.27 -17.88
N LEU A 481 11.23 -14.37 -16.95
CA LEU A 481 11.39 -12.94 -17.18
C LEU A 481 12.82 -12.58 -17.54
N LEU A 482 13.77 -13.26 -16.91
CA LEU A 482 15.19 -13.07 -17.21
C LEU A 482 15.47 -13.34 -18.68
N ALA A 483 14.85 -14.38 -19.22
CA ALA A 483 15.06 -14.78 -20.60
C ALA A 483 14.54 -13.75 -21.59
N ILE A 484 13.42 -13.12 -21.26
CA ILE A 484 12.81 -12.13 -22.15
C ILE A 484 13.21 -10.70 -21.76
N ALA A 485 13.95 -10.58 -20.67
CA ALA A 485 14.47 -9.27 -20.22
C ALA A 485 15.26 -8.48 -21.28
N PRO A 486 16.08 -9.15 -22.12
CA PRO A 486 16.74 -8.40 -23.19
C PRO A 486 15.79 -7.61 -24.10
N ARG A 487 14.88 -8.31 -24.77
CA ARG A 487 13.94 -7.69 -25.71
C ARG A 487 13.08 -6.61 -25.06
N ILE A 488 12.68 -6.84 -23.81
CA ILE A 488 11.81 -5.92 -23.08
C ILE A 488 12.54 -4.61 -22.76
N GLY A 489 13.78 -4.74 -22.30
CA GLY A 489 14.60 -3.58 -21.98
C GLY A 489 14.90 -2.71 -23.20
N ARG A 490 15.04 -3.36 -24.35
CA ARG A 490 15.36 -2.65 -25.58
C ARG A 490 14.17 -1.83 -26.06
N LEU A 491 12.97 -2.33 -25.81
CA LEU A 491 11.74 -1.67 -26.24
C LEU A 491 11.41 -0.42 -25.45
N MET A 492 12.03 -0.28 -24.28
CA MET A 492 11.76 0.86 -23.40
C MET A 492 12.15 2.20 -24.01
N LYS A 493 11.34 3.22 -23.73
CA LYS A 493 11.48 4.53 -24.37
C LYS A 493 12.67 5.34 -23.86
N GLY A 494 13.33 4.83 -22.82
CA GLY A 494 14.48 5.52 -22.24
C GLY A 494 14.10 6.79 -21.51
#